data_8R3D
#
_entry.id   8R3D
#
_cell.length_a   52.740
_cell.length_b   59.131
_cell.length_c   72.464
_cell.angle_alpha   90.000
_cell.angle_beta   90.000
_cell.angle_gamma   90.000
#
_symmetry.space_group_name_H-M   'P 21 21 21'
#
loop_
_entity.id
_entity.type
_entity.pdbx_description
1 polymer 'Beta propeller'
2 non-polymer 2-acetamido-2-deoxy-alpha-D-glucopyranose
3 water water
#
_entity_poly.entity_id   1
_entity_poly.type   'polypeptide(L)'
_entity_poly.pdbx_seq_one_letter_code
;MSGFKFLFFSPDGTLYGVHNDKLYKGTPPTSDKDNWLARATLIGNGGW
;
_entity_poly.pdbx_strand_id   A,B,C,D,E
#
# COMPACT_ATOMS: atom_id res chain seq x y z
N SER A 2 20.03 -2.84 -2.85
CA SER A 2 19.17 -2.31 -1.80
C SER A 2 17.68 -2.51 -2.15
N GLY A 3 17.24 -1.82 -3.20
CA GLY A 3 15.84 -1.84 -3.54
C GLY A 3 15.03 -0.80 -2.76
N PHE A 4 13.73 -0.78 -3.05
CA PHE A 4 12.84 0.24 -2.52
C PHE A 4 12.32 -0.12 -1.14
N LYS A 5 12.10 0.90 -0.31
CA LYS A 5 11.44 0.74 0.98
C LYS A 5 9.92 0.88 0.85
N PHE A 6 9.48 1.79 -0.02
CA PHE A 6 8.07 1.98 -0.36
C PHE A 6 7.99 2.09 -1.88
N LEU A 7 6.88 1.59 -2.44
CA LEU A 7 6.66 1.64 -3.88
C LEU A 7 5.16 1.58 -4.08
N PHE A 8 4.55 2.66 -4.59
CA PHE A 8 3.11 2.77 -4.50
C PHE A 8 2.59 3.80 -5.50
N PHE A 9 1.30 3.72 -5.81
CA PHE A 9 0.72 4.64 -6.79
C PHE A 9 -0.07 5.77 -6.13
N SER A 10 -0.04 6.93 -6.78
CA SER A 10 -1.00 7.99 -6.52
C SER A 10 -2.25 7.76 -7.36
N PRO A 11 -3.39 8.34 -6.97
CA PRO A 11 -4.63 8.08 -7.73
C PRO A 11 -4.59 8.59 -9.17
N ASP A 12 -3.66 9.49 -9.52
CA ASP A 12 -3.58 9.89 -10.91
C ASP A 12 -2.69 8.97 -11.74
N GLY A 13 -2.18 7.88 -11.16
CA GLY A 13 -1.42 6.92 -11.93
C GLY A 13 0.08 7.11 -11.90
N THR A 14 0.58 8.09 -11.14
CA THR A 14 2.02 8.27 -10.98
C THR A 14 2.58 7.27 -9.97
N LEU A 15 3.71 6.66 -10.32
CA LEU A 15 4.42 5.74 -9.44
C LEU A 15 5.35 6.54 -8.51
N TYR A 16 5.24 6.28 -7.21
CA TYR A 16 6.12 6.86 -6.18
C TYR A 16 6.97 5.77 -5.55
N GLY A 17 8.20 6.10 -5.19
CA GLY A 17 9.06 5.12 -4.52
C GLY A 17 9.99 5.83 -3.57
N VAL A 18 10.29 5.16 -2.45
CA VAL A 18 11.35 5.61 -1.53
C VAL A 18 12.53 4.67 -1.73
N HIS A 19 13.66 5.25 -2.12
CA HIS A 19 14.87 4.49 -2.43
C HIS A 19 16.04 5.22 -1.78
N ASN A 20 16.77 4.51 -0.93
CA ASN A 20 17.93 5.09 -0.21
C ASN A 20 17.54 6.38 0.51
N ASP A 21 16.38 6.36 1.18
CA ASP A 21 15.80 7.44 1.98
C ASP A 21 15.29 8.60 1.15
N LYS A 22 15.36 8.53 -0.18
CA LYS A 22 14.92 9.59 -1.06
C LYS A 22 13.57 9.24 -1.66
N LEU A 23 12.79 10.26 -1.99
CA LEU A 23 11.46 10.09 -2.58
C LEU A 23 11.50 10.42 -4.07
N TYR A 24 10.92 9.55 -4.90
CA TYR A 24 10.92 9.69 -6.35
C TYR A 24 9.51 9.53 -6.87
N LYS A 25 9.20 10.16 -8.00
CA LYS A 25 7.94 9.89 -8.71
C LYS A 25 8.17 9.92 -10.22
N GLY A 26 7.29 9.25 -10.96
CA GLY A 26 7.33 9.28 -12.41
C GLY A 26 6.31 8.31 -12.96
N THR A 27 6.14 8.36 -14.28
CA THR A 27 5.30 7.36 -14.94
C THR A 27 5.89 5.97 -14.68
N PRO A 28 5.06 4.94 -14.49
CA PRO A 28 5.60 3.60 -14.27
C PRO A 28 6.38 3.11 -15.48
N PRO A 29 7.35 2.23 -15.29
CA PRO A 29 8.07 1.69 -16.45
C PRO A 29 7.14 0.82 -17.30
N THR A 30 7.39 0.83 -18.62
CA THR A 30 6.62 -0.01 -19.53
C THR A 30 7.40 -1.21 -20.05
N SER A 31 8.71 -1.24 -19.84
CA SER A 31 9.50 -2.39 -20.26
C SER A 31 10.75 -2.44 -19.41
N ASP A 32 11.44 -3.57 -19.49
CA ASP A 32 12.63 -3.79 -18.67
C ASP A 32 13.83 -3.00 -19.19
N LYS A 33 13.68 -2.33 -20.34
CA LYS A 33 14.71 -1.44 -20.84
C LYS A 33 14.66 -0.07 -20.18
N ASP A 34 13.64 0.18 -19.36
CA ASP A 34 13.39 1.50 -18.80
C ASP A 34 14.15 1.61 -17.47
N ASN A 35 15.15 2.47 -17.42
CA ASN A 35 15.86 2.71 -16.17
C ASN A 35 15.04 3.75 -15.39
N TRP A 36 14.11 3.26 -14.56
CA TRP A 36 13.16 4.16 -13.92
C TRP A 36 13.84 5.11 -12.95
N LEU A 37 14.72 4.58 -12.09
CA LEU A 37 15.39 5.43 -11.10
C LEU A 37 16.20 6.54 -11.76
N ALA A 38 16.73 6.30 -12.95
CA ALA A 38 17.56 7.30 -13.62
C ALA A 38 16.75 8.43 -14.22
N ARG A 39 15.46 8.24 -14.47
CA ARG A 39 14.61 9.28 -15.05
C ARG A 39 13.54 9.78 -14.10
N ALA A 40 13.34 9.12 -12.96
CA ALA A 40 12.28 9.55 -12.06
C ALA A 40 12.59 10.93 -11.48
N THR A 41 11.54 11.69 -11.18
CA THR A 41 11.72 12.99 -10.57
C THR A 41 12.07 12.83 -9.10
N LEU A 42 13.20 13.41 -8.69
CA LEU A 42 13.55 13.44 -7.27
C LEU A 42 12.71 14.51 -6.59
N ILE A 43 11.85 14.10 -5.66
CA ILE A 43 10.98 15.04 -4.96
C ILE A 43 11.23 15.07 -3.46
N GLY A 44 12.26 14.35 -3.00
CA GLY A 44 12.65 14.42 -1.61
C GLY A 44 14.07 13.92 -1.42
N ASN A 45 14.98 14.72 -0.86
CA ASN A 45 16.38 14.30 -0.85
C ASN A 45 16.76 13.47 0.36
N GLY A 46 15.83 13.25 1.29
CA GLY A 46 16.10 12.32 2.37
C GLY A 46 15.00 12.37 3.42
N GLY A 47 15.18 11.53 4.43
CA GLY A 47 14.30 11.52 5.57
C GLY A 47 13.10 10.59 5.44
N TRP A 48 12.93 9.94 4.29
CA TRP A 48 11.75 9.13 4.02
C TRP A 48 11.96 7.70 4.50
N SER B 2 10.48 -16.97 -1.93
CA SER B 2 10.52 -15.90 -0.94
C SER B 2 9.30 -14.99 -1.11
N GLY B 3 8.50 -15.26 -2.14
CA GLY B 3 7.31 -14.48 -2.38
C GLY B 3 7.63 -13.07 -2.84
N PHE B 4 6.60 -12.24 -2.81
CA PHE B 4 6.71 -10.87 -3.28
C PHE B 4 7.19 -9.95 -2.19
N LYS B 5 7.87 -8.87 -2.60
CA LYS B 5 8.27 -7.80 -1.68
C LYS B 5 7.26 -6.68 -1.65
N PHE B 6 6.66 -6.38 -2.80
CA PHE B 6 5.55 -5.44 -2.93
C PHE B 6 4.49 -6.11 -3.80
N LEU B 7 3.22 -5.78 -3.53
CA LEU B 7 2.12 -6.28 -4.35
C LEU B 7 0.98 -5.28 -4.22
N PHE B 8 0.61 -4.62 -5.31
CA PHE B 8 -0.24 -3.43 -5.19
C PHE B 8 -0.87 -3.09 -6.53
N PHE B 9 -1.97 -2.33 -6.49
CA PHE B 9 -2.70 -1.99 -7.70
C PHE B 9 -2.40 -0.57 -8.18
N SER B 10 -2.38 -0.40 -9.48
CA SER B 10 -2.48 0.93 -10.05
C SER B 10 -3.95 1.33 -10.11
N PRO B 11 -4.23 2.61 -10.34
CA PRO B 11 -5.64 3.07 -10.34
C PRO B 11 -6.50 2.47 -11.42
N ASP B 12 -5.92 1.97 -12.52
CA ASP B 12 -6.74 1.31 -13.53
C ASP B 12 -6.91 -0.19 -13.27
N GLY B 13 -6.46 -0.68 -12.13
CA GLY B 13 -6.70 -2.07 -11.77
C GLY B 13 -5.67 -3.05 -12.28
N THR B 14 -4.53 -2.57 -12.74
CA THR B 14 -3.41 -3.42 -13.09
C THR B 14 -2.66 -3.79 -11.82
N LEU B 15 -2.40 -5.08 -11.63
CA LEU B 15 -1.64 -5.55 -10.49
C LEU B 15 -0.15 -5.43 -10.77
N TYR B 16 0.59 -4.84 -9.83
CA TYR B 16 2.04 -4.72 -9.88
C TYR B 16 2.67 -5.52 -8.74
N GLY B 17 3.82 -6.12 -8.98
CA GLY B 17 4.49 -6.83 -7.92
C GLY B 17 6.00 -6.81 -8.11
N VAL B 18 6.71 -6.84 -7.00
CA VAL B 18 8.16 -6.96 -7.01
C VAL B 18 8.49 -8.35 -6.49
N HIS B 19 9.22 -9.11 -7.30
CA HIS B 19 9.55 -10.49 -6.98
C HIS B 19 11.01 -10.69 -7.39
N ASN B 20 11.85 -11.14 -6.46
CA ASN B 20 13.29 -11.33 -6.71
C ASN B 20 13.92 -10.10 -7.35
N ASP B 21 13.65 -8.93 -6.77
CA ASP B 21 14.16 -7.62 -7.20
C ASP B 21 13.65 -7.17 -8.55
N LYS B 22 12.77 -7.93 -9.20
CA LYS B 22 12.24 -7.55 -10.50
C LYS B 22 10.81 -7.01 -10.36
N LEU B 23 10.40 -6.18 -11.31
CA LEU B 23 9.07 -5.58 -11.30
C LEU B 23 8.20 -6.17 -12.41
N TYR B 24 6.97 -6.57 -12.05
CA TYR B 24 6.01 -7.19 -12.96
C TYR B 24 4.69 -6.45 -12.91
N LYS B 25 3.93 -6.50 -14.02
CA LYS B 25 2.57 -5.97 -14.01
C LYS B 25 1.68 -6.86 -14.87
N GLY B 26 0.38 -6.83 -14.60
CA GLY B 26 -0.56 -7.56 -15.44
C GLY B 26 -1.94 -7.48 -14.85
N THR B 27 -2.91 -7.96 -15.62
CA THR B 27 -4.23 -8.13 -15.02
C THR B 27 -4.12 -9.05 -13.82
N PRO B 28 -4.95 -8.87 -12.78
CA PRO B 28 -4.85 -9.75 -11.60
C PRO B 28 -5.23 -11.17 -11.96
N PRO B 29 -4.79 -12.16 -11.16
CA PRO B 29 -5.09 -13.56 -11.48
C PRO B 29 -6.58 -13.81 -11.67
N THR B 30 -6.91 -14.62 -12.67
CA THR B 30 -8.31 -14.92 -12.95
C THR B 30 -8.84 -16.08 -12.12
N SER B 31 -7.96 -16.92 -11.60
CA SER B 31 -8.34 -18.02 -10.71
C SER B 31 -7.06 -18.57 -10.11
N ASP B 32 -7.21 -19.56 -9.21
CA ASP B 32 -6.01 -20.17 -8.65
C ASP B 32 -5.29 -21.07 -9.65
N LYS B 33 -5.85 -21.25 -10.84
CA LYS B 33 -5.16 -21.96 -11.90
C LYS B 33 -4.21 -21.07 -12.69
N ASP B 34 -4.24 -19.77 -12.45
CA ASP B 34 -3.57 -18.76 -13.26
C ASP B 34 -2.18 -18.55 -12.69
N ASN B 35 -1.14 -18.98 -13.42
CA ASN B 35 0.25 -18.73 -13.03
C ASN B 35 0.59 -17.29 -13.39
N TRP B 36 0.30 -16.38 -12.46
CA TRP B 36 0.43 -14.95 -12.76
C TRP B 36 1.87 -14.58 -13.07
N LEU B 37 2.80 -15.04 -12.23
CA LEU B 37 4.18 -14.60 -12.40
C LEU B 37 4.73 -15.06 -13.74
N ALA B 38 4.24 -16.19 -14.26
CA ALA B 38 4.71 -16.72 -15.54
C ALA B 38 4.20 -15.89 -16.71
N ARG B 39 3.02 -15.26 -16.58
CA ARG B 39 2.46 -14.48 -17.67
C ARG B 39 2.56 -12.97 -17.47
N ALA B 40 2.89 -12.51 -16.27
CA ALA B 40 3.01 -11.08 -16.01
C ALA B 40 4.06 -10.46 -16.94
N THR B 41 3.84 -9.20 -17.30
CA THR B 41 4.81 -8.46 -18.10
C THR B 41 5.99 -8.04 -17.23
N LEU B 42 7.19 -8.44 -17.63
CA LEU B 42 8.40 -8.00 -16.95
C LEU B 42 8.68 -6.55 -17.33
N ILE B 43 8.65 -5.65 -16.34
CA ILE B 43 8.88 -4.23 -16.62
C ILE B 43 10.08 -3.69 -15.86
N GLY B 44 10.88 -4.56 -15.26
CA GLY B 44 12.10 -4.12 -14.60
C GLY B 44 12.93 -5.31 -14.19
N ASN B 45 14.21 -5.32 -14.61
CA ASN B 45 15.10 -6.47 -14.43
C ASN B 45 15.77 -6.54 -13.07
N GLY B 46 15.71 -5.49 -12.27
CA GLY B 46 16.38 -5.51 -10.99
C GLY B 46 16.33 -4.15 -10.35
N GLY B 47 16.84 -4.10 -9.13
CA GLY B 47 16.95 -2.85 -8.44
C GLY B 47 15.71 -2.42 -7.69
N TRP B 48 14.67 -3.24 -7.67
CA TRP B 48 13.41 -2.88 -6.97
C TRP B 48 13.39 -3.42 -5.55
N SER C 2 13.19 10.92 9.00
CA SER C 2 14.32 9.99 9.22
C SER C 2 13.93 8.53 8.96
N GLY C 3 12.79 8.32 8.32
CA GLY C 3 12.34 6.97 8.12
C GLY C 3 10.87 6.77 8.49
N PHE C 4 10.01 6.64 7.49
CA PHE C 4 8.59 6.48 7.72
C PHE C 4 8.23 5.00 7.94
N LYS C 5 7.14 4.79 8.65
CA LYS C 5 6.62 3.45 8.90
C LYS C 5 5.60 3.08 7.83
N PHE C 6 4.76 4.05 7.45
CA PHE C 6 3.81 3.93 6.35
C PHE C 6 3.91 5.21 5.52
N LEU C 7 3.67 5.08 4.22
CA LEU C 7 3.64 6.25 3.34
C LEU C 7 2.74 5.89 2.18
N PHE C 8 1.60 6.56 2.04
CA PHE C 8 0.58 6.08 1.10
C PHE C 8 -0.36 7.22 0.72
N PHE C 9 -1.07 7.04 -0.42
CA PHE C 9 -2.01 8.05 -0.87
C PHE C 9 -3.45 7.74 -0.46
N SER C 10 -4.19 8.79 -0.16
CA SER C 10 -5.64 8.70 -0.18
C SER C 10 -6.12 8.83 -1.62
N PRO C 11 -7.30 8.31 -1.95
CA PRO C 11 -7.83 8.50 -3.30
C PRO C 11 -8.11 9.96 -3.65
N ASP C 12 -8.14 10.88 -2.68
CA ASP C 12 -8.31 12.28 -3.05
C ASP C 12 -6.98 12.94 -3.39
N GLY C 13 -5.88 12.19 -3.36
CA GLY C 13 -4.59 12.71 -3.77
C GLY C 13 -3.73 13.23 -2.65
N THR C 14 -4.20 13.17 -1.41
CA THR C 14 -3.39 13.60 -0.26
C THR C 14 -2.40 12.52 0.14
N LEU C 15 -1.16 12.92 0.41
CA LEU C 15 -0.16 11.97 0.88
C LEU C 15 -0.29 11.82 2.40
N TYR C 16 -0.29 10.58 2.87
CA TYR C 16 -0.34 10.28 4.30
C TYR C 16 0.95 9.57 4.67
N GLY C 17 1.43 9.83 5.90
CA GLY C 17 2.61 9.11 6.34
C GLY C 17 2.61 8.93 7.85
N VAL C 18 3.10 7.79 8.33
CA VAL C 18 3.34 7.60 9.77
C VAL C 18 4.82 7.73 10.00
N HIS C 19 5.22 8.64 10.89
CA HIS C 19 6.62 8.84 11.23
C HIS C 19 6.71 8.84 12.75
N ASN C 20 7.46 7.88 13.32
CA ASN C 20 7.61 7.76 14.78
C ASN C 20 6.29 7.84 15.56
N ASP C 21 5.39 6.92 15.24
CA ASP C 21 4.09 6.79 15.88
C ASP C 21 3.16 7.98 15.68
N LYS C 22 3.50 8.95 14.84
CA LYS C 22 2.63 10.08 14.53
C LYS C 22 2.17 10.01 13.09
N LEU C 23 0.92 10.44 12.84
CA LEU C 23 0.32 10.41 11.50
C LEU C 23 0.25 11.82 10.94
N TYR C 24 0.70 11.97 9.69
CA TYR C 24 0.78 13.25 9.00
C TYR C 24 0.06 13.17 7.66
N LYS C 25 -0.42 14.31 7.17
CA LYS C 25 -0.97 14.35 5.82
C LYS C 25 -0.68 15.70 5.16
N GLY C 26 -0.62 15.69 3.84
CA GLY C 26 -0.41 16.94 3.10
C GLY C 26 -0.35 16.66 1.61
N THR C 27 -0.41 17.73 0.84
CA THR C 27 -0.16 17.59 -0.58
C THR C 27 1.24 17.01 -0.78
N PRO C 28 1.44 16.13 -1.76
CA PRO C 28 2.76 15.52 -1.93
C PRO C 28 3.78 16.56 -2.32
N PRO C 29 5.06 16.34 -2.05
CA PRO C 29 6.06 17.31 -2.47
C PRO C 29 6.21 17.30 -3.98
N THR C 30 6.56 18.46 -4.53
CA THR C 30 6.80 18.60 -5.97
C THR C 30 8.27 18.79 -6.31
N SER C 31 9.13 19.00 -5.33
CA SER C 31 10.56 19.05 -5.61
C SER C 31 11.31 18.73 -4.33
N ASP C 32 12.60 18.46 -4.50
CA ASP C 32 13.44 18.17 -3.34
C ASP C 32 13.72 19.40 -2.48
N LYS C 33 13.25 20.58 -2.89
CA LYS C 33 13.29 21.76 -2.04
C LYS C 33 12.15 21.80 -1.03
N ASP C 34 11.17 20.90 -1.15
CA ASP C 34 9.94 20.93 -0.37
C ASP C 34 10.12 20.10 0.91
N ASN C 35 10.30 20.78 2.05
CA ASN C 35 10.41 20.07 3.32
C ASN C 35 9.01 19.64 3.73
N TRP C 36 8.62 18.44 3.28
CA TRP C 36 7.26 17.97 3.47
C TRP C 36 6.91 17.83 4.96
N LEU C 37 7.77 17.14 5.71
CA LEU C 37 7.42 16.84 7.09
C LEU C 37 7.29 18.10 7.92
N ALA C 38 8.03 19.17 7.57
CA ALA C 38 7.92 20.42 8.30
C ALA C 38 6.59 21.12 8.04
N ARG C 39 5.96 20.89 6.87
CA ARG C 39 4.73 21.58 6.55
C ARG C 39 3.50 20.68 6.59
N ALA C 40 3.68 19.38 6.79
CA ALA C 40 2.54 18.47 6.82
C ALA C 40 1.68 18.67 8.06
N THR C 41 0.39 18.37 7.93
CA THR C 41 -0.55 18.50 9.03
C THR C 41 -0.41 17.28 9.94
N LEU C 42 -0.09 17.53 11.21
CA LEU C 42 -0.05 16.43 12.17
C LEU C 42 -1.49 16.11 12.55
N ILE C 43 -1.96 14.93 12.15
CA ILE C 43 -3.34 14.55 12.39
C ILE C 43 -3.46 13.40 13.38
N GLY C 44 -2.36 12.98 13.97
CA GLY C 44 -2.44 11.90 14.93
C GLY C 44 -1.20 11.90 15.77
N ASN C 45 -1.33 12.02 17.07
CA ASN C 45 -0.18 12.13 17.95
C ASN C 45 -0.19 10.89 18.83
N GLY C 46 0.43 9.83 18.34
CA GLY C 46 0.67 8.63 19.10
C GLY C 46 -0.22 7.48 18.65
N GLY C 47 0.31 6.26 18.80
CA GLY C 47 -0.48 5.06 18.62
C GLY C 47 -0.45 4.46 17.23
N TRP C 48 0.14 5.14 16.26
CA TRP C 48 0.16 4.65 14.89
C TRP C 48 1.31 3.68 14.64
N SER D 2 3.76 -1.39 19.06
CA SER D 2 3.92 -1.83 17.68
C SER D 2 3.01 -1.03 16.74
N GLY D 3 1.97 -0.43 17.32
CA GLY D 3 1.04 0.36 16.52
C GLY D 3 0.34 -0.48 15.47
N PHE D 4 0.13 0.11 14.30
CA PHE D 4 -0.59 -0.58 13.23
C PHE D 4 0.33 -1.50 12.42
N LYS D 5 -0.25 -2.59 11.93
CA LYS D 5 0.39 -3.51 11.00
C LYS D 5 0.14 -3.13 9.56
N PHE D 6 -1.09 -2.71 9.24
CA PHE D 6 -1.42 -2.18 7.93
C PHE D 6 -2.20 -0.90 8.15
N LEU D 7 -2.13 0.01 7.19
CA LEU D 7 -2.89 1.25 7.26
C LEU D 7 -3.08 1.76 5.84
N PHE D 8 -4.31 1.77 5.32
CA PHE D 8 -4.47 1.94 3.88
C PHE D 8 -5.90 2.39 3.59
N PHE D 9 -6.10 3.02 2.42
CA PHE D 9 -7.41 3.54 2.03
C PHE D 9 -8.17 2.61 1.10
N SER D 10 -9.48 2.63 1.24
CA SER D 10 -10.36 2.12 0.20
C SER D 10 -10.56 3.20 -0.87
N PRO D 11 -11.02 2.82 -2.05
CA PRO D 11 -11.16 3.83 -3.12
C PRO D 11 -12.15 4.95 -2.83
N ASP D 12 -13.08 4.81 -1.88
CA ASP D 12 -13.97 5.92 -1.55
C ASP D 12 -13.41 6.80 -0.43
N GLY D 13 -12.18 6.57 0.01
CA GLY D 13 -11.55 7.42 1.01
C GLY D 13 -11.75 6.96 2.43
N THR D 14 -12.24 5.75 2.64
CA THR D 14 -12.36 5.22 3.99
C THR D 14 -11.01 4.64 4.42
N LEU D 15 -10.59 4.96 5.64
CA LEU D 15 -9.32 4.46 6.15
C LEU D 15 -9.52 3.11 6.80
N TYR D 16 -8.67 2.16 6.43
CA TYR D 16 -8.64 0.84 7.06
C TYR D 16 -7.32 0.66 7.80
N GLY D 17 -7.36 -0.06 8.92
CA GLY D 17 -6.13 -0.35 9.64
C GLY D 17 -6.20 -1.68 10.37
N VAL D 18 -5.05 -2.34 10.48
CA VAL D 18 -4.94 -3.55 11.30
C VAL D 18 -4.12 -3.18 12.52
N HIS D 19 -4.67 -3.44 13.70
CA HIS D 19 -4.06 -3.08 14.97
C HIS D 19 -4.34 -4.21 15.94
N ASN D 20 -3.30 -4.75 16.57
CA ASN D 20 -3.43 -5.91 17.45
C ASN D 20 -4.29 -7.01 16.82
N ASP D 21 -3.94 -7.38 15.58
CA ASP D 21 -4.60 -8.45 14.81
C ASP D 21 -6.07 -8.19 14.49
N LYS D 22 -6.56 -6.99 14.73
CA LYS D 22 -7.94 -6.61 14.47
C LYS D 22 -8.02 -5.61 13.31
N LEU D 23 -9.12 -5.69 12.55
CA LEU D 23 -9.34 -4.84 11.38
C LEU D 23 -10.36 -3.76 11.71
N TYR D 24 -10.00 -2.50 11.42
CA TYR D 24 -10.84 -1.34 11.71
C TYR D 24 -11.02 -0.53 10.44
N LYS D 25 -12.15 0.17 10.34
CA LYS D 25 -12.32 1.17 9.29
C LYS D 25 -13.03 2.40 9.84
N GLY D 26 -12.81 3.53 9.16
CA GLY D 26 -13.54 4.75 9.50
C GLY D 26 -13.05 5.89 8.62
N THR D 27 -13.80 7.00 8.66
CA THR D 27 -13.26 8.19 8.02
C THR D 27 -11.88 8.46 8.62
N PRO D 28 -10.94 9.01 7.86
CA PRO D 28 -9.59 9.23 8.38
C PRO D 28 -9.59 10.26 9.51
N PRO D 29 -8.56 10.27 10.35
CA PRO D 29 -8.50 11.21 11.47
C PRO D 29 -8.59 12.65 10.99
N THR D 30 -9.39 13.44 11.70
CA THR D 30 -9.59 14.83 11.28
C THR D 30 -8.51 15.75 11.84
N SER D 31 -7.93 15.40 12.98
CA SER D 31 -6.89 16.18 13.64
C SER D 31 -6.35 15.34 14.79
N ASP D 32 -5.31 15.84 15.45
CA ASP D 32 -4.83 15.09 16.61
C ASP D 32 -5.82 15.05 17.78
N LYS D 33 -6.91 15.83 17.73
CA LYS D 33 -7.98 15.69 18.73
C LYS D 33 -8.79 14.43 18.54
N ASP D 34 -8.64 13.78 17.39
CA ASP D 34 -9.48 12.67 16.97
C ASP D 34 -8.85 11.36 17.43
N ASN D 35 -9.49 10.69 18.38
CA ASN D 35 -9.07 9.36 18.82
C ASN D 35 -9.64 8.34 17.85
N TRP D 36 -8.90 8.12 16.76
CA TRP D 36 -9.41 7.31 15.66
C TRP D 36 -9.72 5.88 16.11
N LEU D 37 -8.76 5.23 16.76
CA LEU D 37 -8.96 3.84 17.17
C LEU D 37 -10.16 3.70 18.11
N ALA D 38 -10.45 4.72 18.91
CA ALA D 38 -11.60 4.63 19.81
C ALA D 38 -12.94 4.70 19.09
N ARG D 39 -13.01 5.34 17.91
CA ARG D 39 -14.28 5.52 17.19
C ARG D 39 -14.37 4.70 15.92
N ALA D 40 -13.27 4.11 15.47
CA ALA D 40 -13.30 3.31 14.25
C ALA D 40 -14.21 2.10 14.44
N THR D 41 -14.83 1.66 13.34
CA THR D 41 -15.66 0.47 13.37
C THR D 41 -14.80 -0.78 13.37
N LEU D 42 -15.02 -1.67 14.35
CA LEU D 42 -14.31 -2.94 14.38
C LEU D 42 -14.96 -3.88 13.37
N ILE D 43 -14.22 -4.25 12.32
CA ILE D 43 -14.81 -5.10 11.29
C ILE D 43 -14.13 -6.45 11.21
N GLY D 44 -13.19 -6.73 12.08
CA GLY D 44 -12.58 -8.04 12.08
C GLY D 44 -11.89 -8.27 13.39
N ASN D 45 -12.29 -9.32 14.12
CA ASN D 45 -11.75 -9.56 15.45
C ASN D 45 -10.80 -10.76 15.39
N GLY D 46 -9.57 -10.50 14.97
CA GLY D 46 -8.51 -11.49 14.98
C GLY D 46 -8.17 -12.01 13.59
N GLY D 47 -6.94 -12.49 13.43
CA GLY D 47 -6.53 -13.18 12.22
C GLY D 47 -5.92 -12.29 11.16
N TRP D 48 -5.85 -10.99 11.38
CA TRP D 48 -5.35 -10.07 10.35
C TRP D 48 -3.87 -9.83 10.51
N SER E 2 -0.01 -14.46 13.13
CA SER E 2 0.71 -14.31 11.87
C SER E 2 -0.08 -13.43 10.90
N GLY E 3 -1.28 -13.87 10.55
CA GLY E 3 -2.17 -13.05 9.74
C GLY E 3 -1.65 -12.85 8.32
N PHE E 4 -1.93 -11.68 7.76
CA PHE E 4 -1.67 -11.42 6.36
C PHE E 4 -0.28 -10.85 6.13
N LYS E 5 0.29 -11.16 4.97
CA LYS E 5 1.54 -10.53 4.52
C LYS E 5 1.27 -9.25 3.74
N PHE E 6 0.25 -9.26 2.88
CA PHE E 6 -0.24 -8.06 2.22
C PHE E 6 -1.73 -7.99 2.44
N LEU E 7 -2.25 -6.76 2.48
CA LEU E 7 -3.69 -6.54 2.64
C LEU E 7 -3.99 -5.18 2.01
N PHE E 8 -4.76 -5.16 0.92
CA PHE E 8 -4.84 -3.95 0.10
C PHE E 8 -6.07 -3.98 -0.77
N PHE E 9 -6.52 -2.78 -1.18
CA PHE E 9 -7.68 -2.68 -2.06
C PHE E 9 -7.30 -2.58 -3.53
N SER E 10 -8.13 -3.20 -4.38
CA SER E 10 -8.20 -2.85 -5.78
C SER E 10 -9.01 -1.56 -5.94
N PRO E 11 -8.75 -0.76 -6.98
CA PRO E 11 -9.58 0.43 -7.21
C PRO E 11 -11.06 0.13 -7.45
N ASP E 12 -11.43 -1.12 -7.72
CA ASP E 12 -12.85 -1.41 -7.84
C ASP E 12 -13.52 -1.69 -6.50
N GLY E 13 -12.78 -1.57 -5.41
CA GLY E 13 -13.37 -1.77 -4.10
C GLY E 13 -13.22 -3.16 -3.53
N THR E 14 -12.58 -4.08 -4.25
CA THR E 14 -12.39 -5.43 -3.75
C THR E 14 -11.15 -5.48 -2.86
N LEU E 15 -11.28 -6.15 -1.72
CA LEU E 15 -10.16 -6.35 -0.82
C LEU E 15 -9.34 -7.58 -1.23
N TYR E 16 -8.03 -7.41 -1.30
CA TYR E 16 -7.10 -8.48 -1.64
C TYR E 16 -6.20 -8.73 -0.45
N GLY E 17 -5.83 -9.99 -0.23
CA GLY E 17 -4.88 -10.28 0.84
C GLY E 17 -4.03 -11.47 0.51
N VAL E 18 -2.79 -11.45 0.99
CA VAL E 18 -1.89 -12.60 0.89
C VAL E 18 -1.80 -13.20 2.29
N HIS E 19 -2.11 -14.49 2.39
CA HIS E 19 -2.21 -15.16 3.68
C HIS E 19 -1.66 -16.56 3.47
N ASN E 20 -0.60 -16.91 4.21
CA ASN E 20 0.06 -18.21 4.07
C ASN E 20 0.47 -18.48 2.62
N ASP E 21 1.04 -17.45 1.97
CA ASP E 21 1.59 -17.48 0.62
C ASP E 21 0.51 -17.62 -0.46
N LYS E 22 -0.76 -17.58 -0.10
CA LYS E 22 -1.87 -17.71 -1.02
C LYS E 22 -2.52 -16.35 -1.23
N LEU E 23 -3.16 -16.15 -2.38
CA LEU E 23 -3.82 -14.89 -2.67
C LEU E 23 -5.33 -15.06 -2.59
N TYR E 24 -6.00 -14.11 -1.92
CA TYR E 24 -7.45 -14.10 -1.74
C TYR E 24 -8.02 -12.75 -2.15
N LYS E 25 -9.29 -12.77 -2.57
CA LYS E 25 -9.98 -11.51 -2.82
C LYS E 25 -11.43 -11.66 -2.40
N GLY E 26 -12.07 -10.53 -2.08
CA GLY E 26 -13.48 -10.54 -1.74
C GLY E 26 -13.93 -9.17 -1.30
N THR E 27 -15.24 -9.00 -1.21
CA THR E 27 -15.75 -7.76 -0.65
C THR E 27 -15.25 -7.63 0.79
N PRO E 28 -14.92 -6.41 1.25
CA PRO E 28 -14.40 -6.26 2.61
C PRO E 28 -15.45 -6.59 3.63
N PRO E 29 -15.06 -7.04 4.82
CA PRO E 29 -16.07 -7.31 5.86
C PRO E 29 -16.69 -6.00 6.34
N THR E 30 -17.99 -6.06 6.67
CA THR E 30 -18.63 -4.92 7.35
C THR E 30 -18.93 -5.20 8.82
N SER E 31 -18.70 -6.41 9.30
CA SER E 31 -18.85 -6.64 10.72
C SER E 31 -17.84 -7.68 11.16
N ASP E 32 -17.55 -7.67 12.45
CA ASP E 32 -16.57 -8.58 13.04
C ASP E 32 -17.10 -9.99 13.21
N LYS E 33 -18.33 -10.26 12.82
CA LYS E 33 -18.81 -11.63 12.81
C LYS E 33 -18.62 -12.29 11.46
N ASP E 34 -17.99 -11.59 10.51
CA ASP E 34 -17.79 -12.05 9.14
C ASP E 34 -16.42 -12.72 9.05
N ASN E 35 -16.42 -14.04 8.87
CA ASN E 35 -15.17 -14.79 8.72
C ASN E 35 -14.70 -14.59 7.29
N TRP E 36 -13.94 -13.52 7.06
CA TRP E 36 -13.58 -13.10 5.72
C TRP E 36 -12.77 -14.17 5.00
N LEU E 37 -11.72 -14.67 5.66
CA LEU E 37 -10.84 -15.65 5.04
C LEU E 37 -11.60 -16.90 4.61
N ALA E 38 -12.63 -17.29 5.37
CA ALA E 38 -13.34 -18.52 5.05
C ALA E 38 -14.21 -18.37 3.81
N ARG E 39 -14.69 -17.16 3.53
CA ARG E 39 -15.55 -16.93 2.38
C ARG E 39 -14.84 -16.23 1.23
N ALA E 40 -13.60 -15.79 1.41
CA ALA E 40 -12.90 -15.10 0.34
C ALA E 40 -12.61 -16.05 -0.82
N THR E 41 -12.48 -15.49 -2.03
CA THR E 41 -12.15 -16.28 -3.21
C THR E 41 -10.65 -16.58 -3.24
N LEU E 42 -10.29 -17.86 -3.28
CA LEU E 42 -8.89 -18.22 -3.42
C LEU E 42 -8.50 -18.06 -4.89
N ILE E 43 -7.57 -17.15 -5.17
CA ILE E 43 -7.16 -16.87 -6.54
C ILE E 43 -5.68 -17.14 -6.76
N GLY E 44 -5.00 -17.73 -5.77
CA GLY E 44 -3.63 -18.10 -5.92
C GLY E 44 -3.19 -19.09 -4.87
N ASN E 45 -2.65 -20.23 -5.29
CA ASN E 45 -2.36 -21.33 -4.37
C ASN E 45 -1.00 -21.25 -3.71
N GLY E 46 -0.14 -20.33 -4.11
CA GLY E 46 1.19 -20.24 -3.52
C GLY E 46 2.03 -19.26 -4.31
N GLY E 47 3.24 -19.04 -3.79
CA GLY E 47 4.22 -18.20 -4.45
C GLY E 47 4.13 -16.71 -4.12
N TRP E 48 3.14 -16.29 -3.35
CA TRP E 48 2.93 -14.86 -3.13
C TRP E 48 3.71 -14.37 -1.92
#